data_9R4U
#
_entry.id   9R4U
#
_cell.length_a   106.973
_cell.length_b   106.973
_cell.length_c   126.835
_cell.angle_alpha   90.000
_cell.angle_beta   90.000
_cell.angle_gamma   120.000
#
_symmetry.space_group_name_H-M   'P 31 2 1'
#
loop_
_entity.id
_entity.type
_entity.pdbx_description
1 polymer 'Uncharacterized protein'
2 branched beta-D-glucopyranose-(1-6)-beta-D-glucopyranose
3 non-polymer beta-D-glucopyranose
4 non-polymer GLYCEROL
5 non-polymer 'FORMIC ACID'
6 water water
#
_entity_poly.entity_id   1
_entity_poly.type   'polypeptide(L)'
_entity_poly.pdbx_seq_one_letter_code
;MAGIADLTAALASADRNRVTRVEAMRRSPTTISLSTLGALSALWGILYFMTCSGRNSRGVLADASSGMLQTRQSDSESLN
STGLAQAAINGLNARFYESSNARWSSDEPWWISGVALTMVIEYMRRSGSKEYLDQVEDVIEVQRQPLSWWPSGEGEFRAD
ATDDTGWWALAMVRMYDLTGNEDYLNISIKDEAYMRQWWTDTECGGGLYVDIQDLTYKNAIANELYLKLVASLANRAPNA
TIYLDRAQQAWTWFLGSGMINGVNLINDGLARDSNTGSCYNNRLPVWTYNQGVILGALVELYHATKDESYLLSAQAIADA
VLSPSNGLTSSSGVLTETCEGSDSCNQDQQVFKGVFALNLAELGDAVAGASSDPDAGQDYREYLDTNMQSMYANDRSEIV
PTLFDSSTGDLYDVSWSGPFRNATMPKQASAIGLYVANI
;
_entity_poly.pdbx_strand_id   A
#
# COMPACT_ATOMS: atom_id res chain seq x y z
N SER A 78 14.34 -22.29 -5.56
CA SER A 78 15.57 -21.78 -6.16
C SER A 78 15.34 -20.39 -6.74
N LEU A 79 14.19 -19.79 -6.42
CA LEU A 79 13.89 -18.44 -6.87
C LEU A 79 14.62 -17.40 -6.03
N ASN A 80 15.30 -16.48 -6.69
CA ASN A 80 15.82 -15.25 -6.08
C ASN A 80 14.85 -14.07 -6.11
N SER A 81 14.19 -13.83 -4.98
CA SER A 81 13.26 -12.71 -4.96
C SER A 81 13.98 -11.36 -5.01
N THR A 82 15.21 -11.26 -4.49
CA THR A 82 15.93 -9.97 -4.66
C THR A 82 16.29 -9.72 -6.11
N GLY A 83 16.94 -10.69 -6.76
CA GLY A 83 17.20 -10.60 -8.18
C GLY A 83 15.97 -10.27 -9.01
N LEU A 84 14.84 -10.91 -8.69
CA LEU A 84 13.64 -10.66 -9.49
C LEU A 84 13.05 -9.28 -9.20
N ALA A 85 13.04 -8.86 -7.93
CA ALA A 85 12.57 -7.51 -7.62
C ALA A 85 13.39 -6.47 -8.38
N GLN A 86 14.70 -6.68 -8.49
CA GLN A 86 15.58 -5.73 -9.17
C GLN A 86 15.26 -5.70 -10.66
N ALA A 87 15.09 -6.87 -11.28
CA ALA A 87 14.68 -6.94 -12.69
C ALA A 87 13.31 -6.30 -12.90
N ALA A 88 12.39 -6.47 -11.96
CA ALA A 88 11.09 -5.82 -12.11
C ALA A 88 11.22 -4.30 -11.97
N ILE A 89 12.06 -3.81 -11.06
CA ILE A 89 12.27 -2.35 -10.97
C ILE A 89 12.98 -1.83 -12.23
N ASN A 90 13.92 -2.58 -12.79
CA ASN A 90 14.55 -2.13 -14.02
C ASN A 90 13.53 -2.08 -15.16
N GLY A 91 12.66 -3.08 -15.26
CA GLY A 91 11.60 -3.03 -16.24
C GLY A 91 10.68 -1.85 -16.01
N LEU A 92 10.26 -1.64 -14.77
CA LEU A 92 9.53 -0.41 -14.43
C LEU A 92 10.25 0.83 -14.94
N ASN A 93 11.57 0.90 -14.72
CA ASN A 93 12.24 2.14 -15.09
C ASN A 93 12.34 2.25 -16.61
N ALA A 94 12.57 1.13 -17.29
CA ALA A 94 12.87 1.18 -18.72
C ALA A 94 11.65 1.62 -19.52
N ARG A 95 10.47 1.14 -19.11
CA ARG A 95 9.24 1.40 -19.85
C ARG A 95 8.50 2.64 -19.36
N PHE A 96 8.66 3.00 -18.07
CA PHE A 96 7.74 3.98 -17.46
C PHE A 96 8.36 5.18 -16.79
N TYR A 97 9.66 5.19 -16.51
CA TYR A 97 10.22 6.30 -15.76
C TYR A 97 10.44 7.49 -16.68
N GLU A 98 10.02 8.70 -16.26
CA GLU A 98 10.23 9.91 -17.07
C GLU A 98 11.27 10.82 -16.41
N SER A 99 12.52 10.74 -16.87
CA SER A 99 13.61 11.55 -16.28
C SER A 99 13.29 13.03 -16.26
N SER A 100 12.78 13.55 -17.38
CA SER A 100 12.42 14.96 -17.47
C SER A 100 11.39 15.38 -16.43
N ASN A 101 10.66 14.43 -15.83
CA ASN A 101 9.59 14.74 -14.90
C ASN A 101 9.79 14.17 -13.52
N ALA A 102 10.84 13.36 -13.31
CA ALA A 102 11.11 12.70 -12.03
C ALA A 102 9.85 12.05 -11.49
N ARG A 103 9.30 11.18 -12.33
CA ARG A 103 8.02 10.53 -12.06
C ARG A 103 7.94 9.32 -12.97
N TRP A 104 7.08 8.35 -12.63
CA TRP A 104 6.76 7.27 -13.54
C TRP A 104 5.44 7.59 -14.20
N SER A 105 5.35 7.36 -15.51
CA SER A 105 4.10 7.47 -16.26
C SER A 105 3.21 8.64 -15.85
N SER A 106 3.46 9.85 -16.37
CA SER A 106 2.51 10.93 -16.14
C SER A 106 1.11 10.64 -16.72
N ASP A 107 0.96 9.57 -17.51
CA ASP A 107 -0.36 9.21 -18.04
C ASP A 107 -1.09 8.21 -17.14
N GLU A 108 -0.62 8.04 -15.91
CA GLU A 108 -1.11 7.08 -14.93
C GLU A 108 -1.28 7.89 -13.66
N PRO A 109 -2.20 7.51 -12.78
CA PRO A 109 -2.46 8.36 -11.60
C PRO A 109 -1.21 8.63 -10.78
N TRP A 110 -1.12 9.87 -10.31
CA TRP A 110 0.01 10.33 -9.48
C TRP A 110 0.19 9.50 -8.22
N TRP A 111 -0.91 9.09 -7.56
CA TRP A 111 -0.72 8.33 -6.33
C TRP A 111 0.04 7.02 -6.59
N ILE A 112 -0.01 6.53 -7.84
CA ILE A 112 0.67 5.27 -8.10
C ILE A 112 2.17 5.49 -8.31
N SER A 113 2.59 6.70 -8.69
CA SER A 113 4.03 7.02 -8.55
C SER A 113 4.47 6.93 -7.10
N GLY A 114 3.59 7.34 -6.19
CA GLY A 114 3.87 7.19 -4.76
C GLY A 114 4.02 5.75 -4.36
N VAL A 115 3.07 4.90 -4.82
CA VAL A 115 3.20 3.49 -4.51
C VAL A 115 4.50 2.95 -5.10
N ALA A 116 4.81 3.31 -6.36
CA ALA A 116 6.03 2.78 -6.98
C ALA A 116 7.24 3.17 -6.16
N LEU A 117 7.21 4.39 -5.60
CA LEU A 117 8.38 4.89 -4.84
C LEU A 117 8.52 4.04 -3.58
N THR A 118 7.37 3.73 -2.97
CA THR A 118 7.32 2.86 -1.80
C THR A 118 7.97 1.51 -2.11
N MET A 119 7.63 0.93 -3.28
CA MET A 119 8.14 -0.39 -3.66
C MET A 119 9.64 -0.34 -3.83
N VAL A 120 10.12 0.68 -4.53
CA VAL A 120 11.55 0.84 -4.74
C VAL A 120 12.27 1.09 -3.40
N ILE A 121 11.68 1.93 -2.54
CA ILE A 121 12.30 2.16 -1.23
C ILE A 121 12.37 0.84 -0.43
N GLU A 122 11.25 0.11 -0.40
CA GLU A 122 11.20 -1.16 0.32
C GLU A 122 12.21 -2.16 -0.20
N TYR A 123 12.30 -2.28 -1.54
CA TYR A 123 13.36 -3.11 -2.11
C TYR A 123 14.70 -2.79 -1.45
N MET A 124 15.00 -1.49 -1.29
CA MET A 124 16.36 -1.17 -0.86
C MET A 124 16.50 -1.53 0.60
N ARG A 125 15.44 -1.26 1.37
CA ARG A 125 15.45 -1.61 2.79
C ARG A 125 15.67 -3.09 2.99
N ARG A 126 14.86 -3.94 2.32
CA ARG A 126 14.92 -5.35 2.63
C ARG A 126 16.17 -5.99 2.05
N SER A 127 16.63 -5.52 0.90
CA SER A 127 17.80 -6.11 0.28
C SER A 127 19.11 -5.47 0.72
N GLY A 128 19.07 -4.34 1.41
CA GLY A 128 20.33 -3.67 1.73
C GLY A 128 20.99 -2.97 0.57
N SER A 129 20.33 -2.89 -0.58
CA SER A 129 20.90 -2.18 -1.71
C SER A 129 20.65 -0.68 -1.57
N LYS A 130 21.48 0.11 -2.27
CA LYS A 130 21.27 1.56 -2.45
C LYS A 130 21.17 1.94 -3.94
N GLU A 131 20.95 0.97 -4.84
N GLU A 131 21.03 0.94 -4.82
CA GLU A 131 21.10 1.17 -6.28
CA GLU A 131 20.98 1.10 -6.28
C GLU A 131 20.17 2.25 -6.85
C GLU A 131 20.23 2.33 -6.72
N TYR A 132 18.99 2.45 -6.27
CA TYR A 132 18.04 3.45 -6.80
C TYR A 132 17.90 4.69 -5.91
N LEU A 133 18.84 4.90 -4.96
CA LEU A 133 18.70 6.02 -4.02
C LEU A 133 18.70 7.37 -4.73
N ASP A 134 19.63 7.58 -5.66
CA ASP A 134 19.66 8.85 -6.37
C ASP A 134 18.36 9.11 -7.10
N GLN A 135 17.83 8.11 -7.82
CA GLN A 135 16.53 8.27 -8.46
C GLN A 135 15.43 8.58 -7.46
N VAL A 136 15.39 7.85 -6.35
CA VAL A 136 14.32 8.08 -5.39
C VAL A 136 14.39 9.51 -4.87
N GLU A 137 15.59 9.98 -4.54
CA GLU A 137 15.72 11.37 -4.08
C GLU A 137 15.27 12.37 -5.14
N ASP A 138 15.60 12.10 -6.40
CA ASP A 138 15.13 12.95 -7.48
C ASP A 138 13.60 13.03 -7.54
N VAL A 139 12.92 11.86 -7.46
CA VAL A 139 11.47 11.89 -7.48
C VAL A 139 10.95 12.70 -6.31
N ILE A 140 11.51 12.49 -5.12
CA ILE A 140 10.96 13.17 -3.96
C ILE A 140 11.14 14.69 -4.13
N GLU A 141 12.30 15.11 -4.65
CA GLU A 141 12.59 16.57 -4.69
C GLU A 141 11.60 17.27 -5.64
N VAL A 142 11.27 16.65 -6.78
CA VAL A 142 10.30 17.20 -7.73
C VAL A 142 8.87 17.03 -7.25
N GLN A 143 8.48 15.82 -6.82
CA GLN A 143 7.08 15.56 -6.50
C GLN A 143 6.65 16.22 -5.19
N ARG A 144 7.62 16.65 -4.33
CA ARG A 144 7.18 17.38 -3.14
C ARG A 144 6.89 18.85 -3.44
N GLN A 145 7.05 19.32 -4.67
CA GLN A 145 6.72 20.69 -4.97
C GLN A 145 5.21 20.91 -4.93
N PRO A 146 4.77 22.15 -4.74
CA PRO A 146 3.32 22.43 -4.83
C PRO A 146 2.73 21.89 -6.10
N LEU A 147 1.63 21.12 -5.97
CA LEU A 147 1.06 20.45 -7.12
C LEU A 147 0.31 21.42 -8.02
N SER A 148 0.56 21.31 -9.33
CA SER A 148 -0.11 22.20 -10.26
C SER A 148 -1.63 22.07 -10.19
N TRP A 149 -2.17 20.88 -9.82
CA TRP A 149 -3.62 20.74 -9.70
C TRP A 149 -4.13 21.00 -8.30
N TRP A 150 -3.27 21.25 -7.31
CA TRP A 150 -3.73 21.57 -5.96
C TRP A 150 -2.70 22.46 -5.27
N PRO A 151 -2.51 23.67 -5.76
CA PRO A 151 -1.46 24.56 -5.17
C PRO A 151 -1.76 24.98 -3.74
N SER A 152 -3.04 25.09 -3.34
CA SER A 152 -3.35 25.43 -1.95
C SER A 152 -2.83 24.40 -0.95
N GLY A 153 -2.49 23.19 -1.39
CA GLY A 153 -1.88 22.26 -0.45
C GLY A 153 -0.45 22.64 -0.07
N GLU A 154 0.22 23.46 -0.89
CA GLU A 154 1.58 24.00 -0.58
C GLU A 154 2.61 22.88 -0.64
N GLY A 155 2.37 21.89 -1.53
CA GLY A 155 3.32 20.82 -1.76
C GLY A 155 3.54 19.96 -0.53
N GLU A 156 4.74 19.36 -0.44
CA GLU A 156 5.01 18.38 0.59
C GLU A 156 3.97 17.23 0.52
N PHE A 157 3.45 17.01 -0.69
CA PHE A 157 2.51 15.92 -1.08
C PHE A 157 1.12 16.15 -0.57
N ARG A 158 0.81 17.37 -0.08
CA ARG A 158 -0.53 17.71 0.37
C ARG A 158 -1.42 17.95 -0.85
N ALA A 159 -2.36 17.00 -1.16
CA ALA A 159 -3.00 16.97 -2.47
C ALA A 159 -4.51 17.23 -2.34
N ASP A 160 -5.26 17.05 -3.44
CA ASP A 160 -6.68 17.33 -3.36
C ASP A 160 -7.48 16.11 -2.87
N ALA A 161 -6.82 15.03 -2.43
CA ALA A 161 -7.53 13.92 -1.81
C ALA A 161 -6.70 13.44 -0.64
N THR A 162 -7.36 13.02 0.46
CA THR A 162 -6.56 12.63 1.61
C THR A 162 -5.84 11.31 1.36
N ASP A 163 -6.42 10.39 0.56
CA ASP A 163 -5.65 9.17 0.30
C ASP A 163 -4.44 9.42 -0.61
N ASP A 164 -4.57 10.20 -1.70
CA ASP A 164 -3.36 10.55 -2.48
C ASP A 164 -2.22 11.02 -1.53
N THR A 165 -2.56 11.88 -0.58
CA THR A 165 -1.52 12.39 0.34
C THR A 165 -0.97 11.27 1.19
N GLY A 166 -1.85 10.35 1.59
CA GLY A 166 -1.44 9.32 2.52
C GLY A 166 -0.49 8.32 1.91
N TRP A 167 -0.66 8.03 0.61
CA TRP A 167 0.29 7.14 -0.06
C TRP A 167 1.72 7.70 -0.01
N TRP A 168 1.85 8.95 -0.40
CA TRP A 168 3.20 9.56 -0.34
C TRP A 168 3.71 9.70 1.09
N ALA A 169 2.82 10.04 2.02
CA ALA A 169 3.24 10.15 3.41
C ALA A 169 3.86 8.86 3.93
N LEU A 170 3.24 7.73 3.61
CA LEU A 170 3.78 6.46 4.06
C LEU A 170 5.07 6.14 3.33
N ALA A 171 5.16 6.50 2.05
CA ALA A 171 6.43 6.34 1.34
C ALA A 171 7.53 7.12 2.08
N MET A 172 7.17 8.28 2.63
CA MET A 172 8.22 9.08 3.35
C MET A 172 8.55 8.46 4.69
N VAL A 173 7.58 7.76 5.30
CA VAL A 173 7.89 6.98 6.49
C VAL A 173 8.91 5.90 6.15
N ARG A 174 8.74 5.23 4.99
CA ARG A 174 9.73 4.20 4.63
C ARG A 174 11.07 4.84 4.28
N MET A 175 11.04 5.92 3.54
CA MET A 175 12.27 6.69 3.30
C MET A 175 13.04 7.04 4.58
N TYR A 176 12.33 7.52 5.59
CA TYR A 176 12.94 7.74 6.89
C TYR A 176 13.55 6.48 7.47
N ASP A 177 12.83 5.35 7.37
CA ASP A 177 13.34 4.08 7.88
C ASP A 177 14.57 3.67 7.11
N LEU A 178 14.59 3.91 5.81
CA LEU A 178 15.76 3.56 5.02
C LEU A 178 16.98 4.43 5.37
N THR A 179 16.76 5.74 5.49
CA THR A 179 17.91 6.67 5.57
C THR A 179 18.18 7.26 6.94
N GLY A 180 17.21 7.29 7.84
CA GLY A 180 17.43 8.04 9.05
C GLY A 180 17.34 9.56 8.90
N ASN A 181 17.01 10.07 7.70
CA ASN A 181 17.05 11.51 7.42
C ASN A 181 15.73 12.14 7.89
N GLU A 182 15.85 12.99 8.89
CA GLU A 182 14.69 13.55 9.54
C GLU A 182 13.84 14.38 8.59
N ASP A 183 14.43 14.87 7.48
CA ASP A 183 13.64 15.54 6.45
C ASP A 183 12.39 14.71 6.05
N TYR A 184 12.58 13.42 5.77
CA TYR A 184 11.42 12.60 5.33
C TYR A 184 10.40 12.44 6.45
N LEU A 185 10.86 12.26 7.67
CA LEU A 185 9.92 12.16 8.77
C LEU A 185 9.08 13.44 8.89
N ASN A 186 9.73 14.61 8.76
CA ASN A 186 9.00 15.88 8.84
C ASN A 186 7.90 15.98 7.78
N ILE A 187 8.15 15.47 6.58
CA ILE A 187 7.14 15.50 5.55
C ILE A 187 5.92 14.68 6.01
N SER A 188 6.19 13.56 6.67
CA SER A 188 5.16 12.61 7.09
C SER A 188 4.30 13.31 8.13
N ILE A 189 4.96 14.14 8.95
CA ILE A 189 4.30 14.85 10.04
C ILE A 189 3.39 15.94 9.48
N LYS A 190 3.88 16.69 8.48
CA LYS A 190 3.06 17.68 7.76
C LYS A 190 1.86 16.95 7.11
N ASP A 191 2.09 15.80 6.51
CA ASP A 191 0.99 15.09 5.85
C ASP A 191 -0.06 14.64 6.87
N GLU A 192 0.35 14.16 8.04
CA GLU A 192 -0.63 13.77 9.06
C GLU A 192 -1.47 14.96 9.46
N ALA A 193 -0.85 16.13 9.68
CA ALA A 193 -1.62 17.28 10.13
C ALA A 193 -2.56 17.76 9.03
N TYR A 194 -2.13 17.68 7.78
CA TYR A 194 -2.98 18.08 6.68
C TYR A 194 -4.20 17.15 6.56
N MET A 195 -3.96 15.85 6.63
CA MET A 195 -5.05 14.86 6.46
C MET A 195 -6.08 15.02 7.57
N ARG A 196 -5.60 15.25 8.81
CA ARG A 196 -6.46 15.35 9.97
C ARG A 196 -7.41 16.52 9.88
N GLN A 197 -7.10 17.50 9.04
CA GLN A 197 -8.05 18.58 8.82
C GLN A 197 -9.41 18.05 8.36
N TRP A 198 -9.45 16.89 7.73
CA TRP A 198 -10.70 16.37 7.17
C TRP A 198 -11.27 15.19 7.95
N TRP A 199 -10.80 15.02 9.17
CA TRP A 199 -11.46 14.17 10.15
C TRP A 199 -12.65 14.94 10.73
N THR A 200 -13.84 14.33 10.78
CA THR A 200 -14.91 14.94 11.57
C THR A 200 -15.50 13.88 12.49
N ASP A 201 -15.96 14.33 13.67
CA ASP A 201 -16.77 13.52 14.59
C ASP A 201 -18.24 13.69 14.38
N THR A 202 -18.63 14.65 13.55
CA THR A 202 -20.03 15.01 13.42
C THR A 202 -20.75 14.16 12.39
N GLU A 203 -20.03 13.38 11.59
CA GLU A 203 -20.64 12.38 10.72
C GLU A 203 -19.94 11.05 10.91
N CYS A 204 -20.71 9.96 10.99
CA CYS A 204 -20.15 8.62 11.21
C CYS A 204 -19.39 8.49 12.52
N GLY A 205 -19.57 9.41 13.47
CA GLY A 205 -18.82 9.33 14.69
C GLY A 205 -17.29 9.48 14.54
N GLY A 206 -16.76 9.87 13.39
CA GLY A 206 -15.32 9.85 13.23
C GLY A 206 -14.91 9.59 11.79
N GLY A 207 -13.61 9.43 11.57
CA GLY A 207 -13.04 9.13 10.27
C GLY A 207 -12.86 10.35 9.36
N LEU A 208 -12.03 10.19 8.36
CA LEU A 208 -11.87 11.31 7.44
C LEU A 208 -12.53 11.06 6.10
N TYR A 209 -12.91 12.19 5.49
CA TYR A 209 -13.33 12.26 4.10
C TYR A 209 -12.16 12.06 3.17
N VAL A 210 -12.45 11.52 1.99
CA VAL A 210 -11.39 11.30 0.99
C VAL A 210 -11.27 12.49 0.06
N ASP A 211 -12.41 13.07 -0.24
CA ASP A 211 -12.67 14.03 -1.30
C ASP A 211 -12.77 15.41 -0.70
N ILE A 212 -11.61 16.08 -0.63
CA ILE A 212 -11.42 17.30 0.15
C ILE A 212 -12.33 18.43 -0.34
N GLN A 213 -12.44 18.59 -1.66
CA GLN A 213 -13.33 19.62 -2.17
C GLN A 213 -14.80 19.31 -1.89
N ASP A 214 -15.15 18.06 -1.58
CA ASP A 214 -16.58 17.76 -1.70
C ASP A 214 -17.18 17.14 -0.44
N LEU A 215 -16.40 16.35 0.29
CA LEU A 215 -16.76 15.92 1.65
C LEU A 215 -18.05 15.11 1.65
N THR A 216 -18.09 14.12 0.76
CA THR A 216 -19.24 13.24 0.64
C THR A 216 -18.93 11.77 0.93
N TYR A 217 -17.67 11.36 0.98
CA TYR A 217 -17.32 9.95 1.12
C TYR A 217 -16.25 9.75 2.17
N LYS A 218 -16.58 9.00 3.20
CA LYS A 218 -15.57 8.41 4.09
C LYS A 218 -15.38 6.95 3.69
N ASN A 219 -14.21 6.62 3.14
CA ASN A 219 -14.01 5.29 2.58
C ASN A 219 -12.99 4.55 3.43
N ALA A 220 -12.77 3.28 3.10
CA ALA A 220 -11.80 2.48 3.83
C ALA A 220 -10.35 2.97 3.58
N ILE A 221 -9.96 3.21 2.32
CA ILE A 221 -8.52 3.33 2.06
C ILE A 221 -7.98 4.63 2.66
N ALA A 222 -8.73 5.73 2.60
CA ALA A 222 -8.13 6.94 3.19
C ALA A 222 -8.02 6.77 4.69
N ASN A 223 -8.92 6.01 5.29
CA ASN A 223 -8.88 5.89 6.73
C ASN A 223 -7.88 4.84 7.17
N GLU A 224 -7.62 3.82 6.32
CA GLU A 224 -6.52 2.90 6.61
C GLU A 224 -5.16 3.60 6.45
N LEU A 225 -4.98 4.39 5.40
CA LEU A 225 -3.71 5.15 5.24
C LEU A 225 -3.47 6.06 6.42
N TYR A 226 -4.49 6.83 6.79
CA TYR A 226 -4.36 7.69 7.95
C TYR A 226 -4.01 6.89 9.19
N LEU A 227 -4.70 5.77 9.41
CA LEU A 227 -4.41 5.01 10.62
C LEU A 227 -2.99 4.48 10.57
N LYS A 228 -2.55 3.94 9.43
CA LYS A 228 -1.18 3.44 9.39
C LYS A 228 -0.18 4.60 9.59
N LEU A 229 -0.51 5.80 9.12
CA LEU A 229 0.38 6.97 9.26
C LEU A 229 0.52 7.39 10.73
N VAL A 230 -0.60 7.64 11.41
CA VAL A 230 -0.49 8.00 12.84
C VAL A 230 0.14 6.86 13.64
N ALA A 231 -0.20 5.60 13.36
CA ALA A 231 0.46 4.52 14.09
C ALA A 231 1.99 4.51 13.85
N SER A 232 2.42 4.78 12.61
CA SER A 232 3.85 4.84 12.27
C SER A 232 4.54 5.99 13.01
N LEU A 233 3.88 7.15 13.08
CA LEU A 233 4.46 8.28 13.77
C LEU A 233 4.55 8.03 15.27
N ALA A 234 3.64 7.21 15.80
CA ALA A 234 3.72 6.83 17.21
C ALA A 234 5.01 6.09 17.52
N ASN A 235 5.60 5.41 16.53
CA ASN A 235 6.85 4.71 16.75
C ASN A 235 8.08 5.56 16.39
N ARG A 236 7.87 6.73 15.77
CA ARG A 236 9.03 7.46 15.22
C ARG A 236 9.12 8.94 15.56
N ALA A 237 7.99 9.62 15.84
CA ALA A 237 8.01 11.08 15.91
C ALA A 237 8.25 11.57 17.33
N PRO A 238 8.71 12.82 17.48
CA PRO A 238 8.95 13.34 18.84
C PRO A 238 7.69 13.45 19.72
N ASN A 239 6.57 14.01 19.25
CA ASN A 239 5.36 13.95 20.09
C ASN A 239 4.70 12.59 19.91
N ALA A 240 5.41 11.53 20.29
CA ALA A 240 4.89 10.20 19.96
C ALA A 240 3.54 9.93 20.61
N THR A 241 3.28 10.51 21.79
CA THR A 241 2.08 10.14 22.53
C THR A 241 0.80 10.72 21.91
N ILE A 242 0.84 11.92 21.32
CA ILE A 242 -0.35 12.41 20.63
C ILE A 242 -0.71 11.50 19.45
N TYR A 243 0.29 11.00 18.72
CA TYR A 243 0.04 10.10 17.59
C TYR A 243 -0.53 8.79 18.07
N LEU A 244 -0.04 8.28 19.21
CA LEU A 244 -0.51 6.95 19.58
C LEU A 244 -1.96 7.06 20.08
N ASP A 245 -2.31 8.15 20.77
CA ASP A 245 -3.72 8.43 21.06
C ASP A 245 -4.58 8.47 19.80
N ARG A 246 -4.18 9.28 18.83
CA ARG A 246 -4.89 9.33 17.56
C ARG A 246 -5.05 7.95 16.94
N ALA A 247 -3.97 7.15 16.98
CA ALA A 247 -4.04 5.86 16.31
C ALA A 247 -5.00 4.95 17.03
N GLN A 248 -4.99 4.96 18.36
CA GLN A 248 -5.89 4.08 19.07
C GLN A 248 -7.32 4.53 18.90
N GLN A 249 -7.56 5.85 18.86
CA GLN A 249 -8.92 6.34 18.59
C GLN A 249 -9.32 6.04 17.16
N ALA A 250 -8.39 6.13 16.20
CA ALA A 250 -8.80 5.88 14.84
C ALA A 250 -9.07 4.38 14.64
N TRP A 251 -8.32 3.50 15.30
CA TRP A 251 -8.61 2.09 15.15
C TRP A 251 -9.96 1.74 15.79
N THR A 252 -10.24 2.33 16.96
CA THR A 252 -11.53 2.12 17.58
C THR A 252 -12.65 2.55 16.67
N TRP A 253 -12.50 3.71 16.03
CA TRP A 253 -13.53 4.16 15.10
C TRP A 253 -13.65 3.20 13.92
N PHE A 254 -12.52 2.82 13.32
CA PHE A 254 -12.59 1.94 12.15
C PHE A 254 -13.33 0.64 12.50
N LEU A 255 -12.91 0.01 13.61
CA LEU A 255 -13.51 -1.25 14.02
C LEU A 255 -14.99 -1.06 14.30
N GLY A 256 -15.35 0.07 14.87
CA GLY A 256 -16.77 0.28 15.07
C GLY A 256 -17.53 0.79 13.89
N SER A 257 -16.91 1.04 12.74
CA SER A 257 -17.63 1.72 11.66
C SER A 257 -18.59 0.77 10.94
N GLY A 258 -18.29 -0.53 10.98
CA GLY A 258 -19.04 -1.56 10.24
C GLY A 258 -18.39 -1.87 8.90
N MET A 259 -17.30 -1.17 8.56
CA MET A 259 -16.66 -1.43 7.30
C MET A 259 -16.00 -2.84 7.29
N ILE A 260 -15.58 -3.34 8.45
CA ILE A 260 -15.14 -4.74 8.56
C ILE A 260 -16.39 -5.61 8.68
N ASN A 261 -16.58 -6.51 7.72
CA ASN A 261 -17.90 -7.17 7.59
C ASN A 261 -17.87 -8.54 8.25
N GLY A 262 -18.93 -9.32 8.03
CA GLY A 262 -19.10 -10.49 8.84
C GLY A 262 -18.16 -11.64 8.55
N VAL A 263 -17.41 -11.63 7.44
CA VAL A 263 -16.29 -12.57 7.28
C VAL A 263 -14.93 -11.89 7.54
N ASN A 264 -14.90 -10.75 8.22
CA ASN A 264 -13.64 -10.02 8.54
C ASN A 264 -12.90 -9.50 7.34
N LEU A 265 -13.62 -9.17 6.28
CA LEU A 265 -13.09 -8.43 5.14
C LEU A 265 -13.67 -7.02 5.12
N ILE A 266 -13.01 -6.12 4.39
CA ILE A 266 -13.31 -4.70 4.47
C ILE A 266 -13.92 -4.24 3.15
N ASN A 267 -15.16 -3.75 3.24
CA ASN A 267 -15.82 -3.22 2.05
C ASN A 267 -15.35 -1.81 1.77
N ASP A 268 -15.80 -1.24 0.64
CA ASP A 268 -15.10 -0.05 0.16
C ASP A 268 -15.25 1.17 1.04
N GLY A 269 -16.39 1.36 1.67
CA GLY A 269 -16.58 2.58 2.43
C GLY A 269 -17.88 2.61 3.17
N LEU A 270 -18.23 3.83 3.61
CA LEU A 270 -19.46 4.06 4.34
C LEU A 270 -20.46 4.84 3.50
N ALA A 271 -21.74 4.46 3.63
CA ALA A 271 -22.90 5.19 3.15
C ALA A 271 -23.55 5.89 4.35
N ARG A 272 -24.32 6.94 4.09
CA ARG A 272 -24.94 7.75 5.14
C ARG A 272 -26.43 7.74 4.94
N ASP A 273 -27.16 7.48 6.04
CA ASP A 273 -28.61 7.33 5.97
C ASP A 273 -29.23 8.67 5.61
N SER A 274 -30.19 8.62 4.68
CA SER A 274 -30.84 9.81 4.15
C SER A 274 -31.63 10.55 5.23
N ASN A 275 -32.26 9.81 6.15
CA ASN A 275 -33.16 10.43 7.12
C ASN A 275 -32.52 10.67 8.47
N THR A 276 -31.55 9.85 8.83
CA THR A 276 -31.05 9.77 10.19
C THR A 276 -29.60 10.17 10.34
N GLY A 277 -28.82 10.23 9.27
CA GLY A 277 -27.43 10.59 9.38
C GLY A 277 -26.53 9.51 9.94
N SER A 278 -27.07 8.37 10.33
CA SER A 278 -26.19 7.28 10.71
C SER A 278 -25.54 6.65 9.47
N CYS A 279 -24.32 6.12 9.63
CA CYS A 279 -23.49 5.56 8.57
C CYS A 279 -23.52 4.04 8.62
N TYR A 280 -23.29 3.39 7.47
CA TYR A 280 -23.26 1.93 7.45
C TYR A 280 -22.40 1.49 6.29
N ASN A 281 -21.86 0.25 6.40
CA ASN A 281 -21.09 -0.39 5.33
C ASN A 281 -21.81 -0.29 3.99
N ASN A 282 -21.18 0.30 2.97
CA ASN A 282 -21.92 0.52 1.71
C ASN A 282 -21.97 -0.72 0.83
N ARG A 283 -21.29 -1.82 1.22
CA ARG A 283 -21.30 -3.10 0.50
C ARG A 283 -20.72 -2.99 -0.91
N LEU A 284 -19.96 -1.94 -1.20
CA LEU A 284 -19.16 -1.89 -2.42
C LEU A 284 -18.01 -2.92 -2.30
N PRO A 285 -17.29 -3.20 -3.37
CA PRO A 285 -16.43 -4.38 -3.39
C PRO A 285 -15.35 -4.43 -2.32
N VAL A 286 -14.90 -5.65 -2.08
CA VAL A 286 -13.76 -5.98 -1.22
C VAL A 286 -12.53 -5.98 -2.13
N TRP A 287 -11.73 -4.93 -2.01
CA TRP A 287 -10.51 -4.70 -2.80
C TRP A 287 -9.29 -5.13 -2.01
N THR A 288 -8.29 -5.70 -2.68
CA THR A 288 -7.24 -6.37 -1.91
C THR A 288 -6.46 -5.34 -1.07
N TYR A 289 -6.23 -4.14 -1.62
CA TYR A 289 -5.40 -3.13 -0.87
C TYR A 289 -6.13 -2.65 0.39
N ASN A 290 -7.49 -2.80 0.46
CA ASN A 290 -8.20 -2.46 1.68
C ASN A 290 -8.12 -3.56 2.72
N GLN A 291 -7.62 -4.74 2.35
CA GLN A 291 -7.28 -5.80 3.30
C GLN A 291 -5.81 -5.77 3.67
N GLY A 292 -5.06 -4.77 3.17
CA GLY A 292 -3.63 -4.84 3.29
C GLY A 292 -3.09 -3.64 4.05
N VAL A 293 -3.47 -2.42 3.69
CA VAL A 293 -2.93 -1.26 4.43
C VAL A 293 -3.29 -1.37 5.91
N ILE A 294 -4.46 -1.91 6.20
CA ILE A 294 -4.93 -2.04 7.60
C ILE A 294 -4.02 -2.99 8.36
N LEU A 295 -3.40 -3.98 7.67
CA LEU A 295 -2.50 -4.88 8.39
C LEU A 295 -1.24 -4.14 8.83
N GLY A 296 -0.67 -3.34 7.94
CA GLY A 296 0.50 -2.53 8.33
C GLY A 296 0.17 -1.63 9.49
N ALA A 297 -1.05 -1.06 9.49
CA ALA A 297 -1.43 -0.17 10.59
C ALA A 297 -1.50 -0.94 11.91
N LEU A 298 -2.10 -2.12 11.90
CA LEU A 298 -2.17 -2.89 13.15
C LEU A 298 -0.78 -3.37 13.59
N VAL A 299 0.09 -3.69 12.63
CA VAL A 299 1.46 -4.03 12.98
C VAL A 299 2.14 -2.86 13.67
N GLU A 300 1.92 -1.63 13.19
CA GLU A 300 2.56 -0.50 13.88
C GLU A 300 1.94 -0.25 15.24
N LEU A 301 0.62 -0.48 15.40
CA LEU A 301 0.00 -0.33 16.71
C LEU A 301 0.57 -1.34 17.69
N TYR A 302 0.79 -2.57 17.21
CA TYR A 302 1.44 -3.59 18.00
C TYR A 302 2.81 -3.11 18.46
N HIS A 303 3.60 -2.56 17.54
CA HIS A 303 4.95 -2.14 17.88
C HIS A 303 4.90 -0.99 18.90
N ALA A 304 3.93 -0.08 18.77
CA ALA A 304 3.85 1.03 19.73
C ALA A 304 3.36 0.60 21.11
N THR A 305 2.55 -0.48 21.20
CA THR A 305 1.94 -0.86 22.45
C THR A 305 2.41 -2.21 22.99
N LYS A 306 2.99 -3.05 22.14
CA LYS A 306 3.29 -4.46 22.44
C LYS A 306 2.04 -5.23 22.85
N ASP A 307 0.87 -4.78 22.44
CA ASP A 307 -0.40 -5.43 22.77
C ASP A 307 -0.73 -6.36 21.60
N GLU A 308 -0.54 -7.66 21.80
CA GLU A 308 -0.73 -8.62 20.71
C GLU A 308 -2.16 -8.66 20.17
N SER A 309 -3.15 -8.05 20.86
CA SER A 309 -4.49 -8.00 20.28
C SER A 309 -4.50 -7.33 18.93
N TYR A 310 -3.55 -6.44 18.67
CA TYR A 310 -3.52 -5.83 17.36
C TYR A 310 -3.11 -6.83 16.30
N LEU A 311 -2.14 -7.69 16.61
CA LEU A 311 -1.77 -8.71 15.64
C LEU A 311 -2.90 -9.72 15.46
N LEU A 312 -3.71 -9.92 16.49
CA LEU A 312 -4.70 -10.97 16.38
C LEU A 312 -5.80 -10.52 15.43
N SER A 313 -6.19 -9.24 15.53
CA SER A 313 -7.11 -8.64 14.57
C SER A 313 -6.54 -8.65 13.14
N ALA A 314 -5.27 -8.28 13.00
CA ALA A 314 -4.67 -8.28 11.67
C ALA A 314 -4.65 -9.69 11.09
N GLN A 315 -4.34 -10.66 11.92
CA GLN A 315 -4.31 -12.03 11.43
C GLN A 315 -5.69 -12.52 10.99
N ALA A 316 -6.76 -12.01 11.61
CA ALA A 316 -8.08 -12.47 11.19
C ALA A 316 -8.44 -11.92 9.81
N ILE A 317 -8.00 -10.70 9.51
CA ILE A 317 -8.27 -10.12 8.20
C ILE A 317 -7.44 -10.83 7.13
N ALA A 318 -6.14 -11.00 7.40
CA ALA A 318 -5.30 -11.75 6.47
C ALA A 318 -5.81 -13.18 6.29
N ASP A 319 -6.22 -13.83 7.38
CA ASP A 319 -6.69 -15.19 7.23
C ASP A 319 -7.94 -15.26 6.37
N ALA A 320 -8.80 -14.24 6.42
CA ALA A 320 -9.95 -14.25 5.52
C ALA A 320 -9.54 -14.03 4.07
N VAL A 321 -8.51 -13.22 3.80
CA VAL A 321 -8.10 -13.09 2.40
C VAL A 321 -7.57 -14.43 1.88
N LEU A 322 -6.85 -15.18 2.72
CA LEU A 322 -6.20 -16.40 2.27
C LEU A 322 -7.22 -17.52 2.04
N SER A 323 -8.43 -17.36 2.53
CA SER A 323 -9.38 -18.45 2.54
C SER A 323 -10.09 -18.48 1.20
N PRO A 324 -9.96 -19.56 0.39
CA PRO A 324 -10.66 -19.60 -0.91
C PRO A 324 -12.16 -19.38 -0.82
N SER A 325 -12.79 -19.65 0.33
CA SER A 325 -14.23 -19.42 0.41
C SER A 325 -14.61 -17.96 0.20
N ASN A 326 -13.72 -17.00 0.47
CA ASN A 326 -14.02 -15.60 0.27
C ASN A 326 -13.70 -15.14 -1.15
N GLY A 327 -13.13 -16.00 -1.97
CA GLY A 327 -12.93 -15.66 -3.37
C GLY A 327 -11.83 -14.65 -3.64
N LEU A 328 -11.07 -14.18 -2.64
CA LEU A 328 -9.93 -13.35 -3.03
C LEU A 328 -8.78 -14.24 -3.47
N THR A 329 -8.78 -15.50 -3.02
CA THR A 329 -7.72 -16.47 -3.28
C THR A 329 -8.31 -17.57 -4.13
N SER A 330 -7.66 -17.87 -5.27
CA SER A 330 -8.18 -18.85 -6.21
C SER A 330 -7.97 -20.28 -5.69
N SER A 331 -8.64 -21.23 -6.35
CA SER A 331 -8.43 -22.63 -6.02
C SER A 331 -6.99 -23.07 -6.24
N SER A 332 -6.21 -22.39 -7.08
CA SER A 332 -4.78 -22.64 -7.12
C SER A 332 -4.03 -21.81 -6.08
N GLY A 333 -4.75 -21.06 -5.26
CA GLY A 333 -4.10 -20.37 -4.18
C GLY A 333 -3.48 -19.04 -4.55
N VAL A 334 -3.91 -18.41 -5.64
CA VAL A 334 -3.32 -17.17 -6.14
C VAL A 334 -4.26 -16.02 -5.78
N LEU A 335 -3.69 -14.94 -5.23
CA LEU A 335 -4.41 -13.70 -4.99
C LEU A 335 -4.98 -13.12 -6.28
N THR A 336 -6.28 -12.81 -6.27
CA THR A 336 -7.02 -12.47 -7.48
C THR A 336 -7.94 -11.29 -7.21
N GLU A 337 -7.73 -10.19 -7.92
CA GLU A 337 -8.63 -9.06 -7.77
C GLU A 337 -9.98 -9.44 -8.34
N THR A 338 -11.02 -8.94 -7.68
CA THR A 338 -12.40 -9.22 -8.07
C THR A 338 -12.69 -8.80 -9.50
N CYS A 339 -11.93 -7.89 -10.08
CA CYS A 339 -12.18 -7.39 -11.43
C CYS A 339 -11.44 -8.18 -12.50
N GLU A 340 -10.52 -9.06 -12.10
CA GLU A 340 -9.76 -9.81 -13.10
C GLU A 340 -10.67 -10.65 -13.99
N GLY A 341 -11.65 -11.34 -13.38
CA GLY A 341 -12.52 -12.23 -14.15
C GLY A 341 -13.13 -11.56 -15.36
N SER A 342 -13.74 -10.39 -15.17
CA SER A 342 -14.34 -9.62 -16.25
C SER A 342 -13.31 -8.84 -17.06
N ASP A 343 -12.02 -9.00 -16.77
CA ASP A 343 -10.98 -8.28 -17.48
C ASP A 343 -11.22 -6.76 -17.42
N SER A 344 -11.72 -6.28 -16.26
CA SER A 344 -12.10 -4.87 -16.14
C SER A 344 -11.28 -4.11 -15.10
N CYS A 345 -10.10 -4.62 -14.71
CA CYS A 345 -9.32 -3.92 -13.70
C CYS A 345 -8.78 -2.62 -14.30
N ASN A 346 -9.18 -1.48 -13.71
CA ASN A 346 -8.78 -0.15 -14.19
C ASN A 346 -7.40 0.24 -13.62
N GLN A 347 -6.95 1.46 -13.98
CA GLN A 347 -5.59 1.88 -13.66
C GLN A 347 -5.34 1.80 -12.15
N ASP A 348 -6.35 2.14 -11.35
CA ASP A 348 -6.20 2.06 -9.89
C ASP A 348 -6.11 0.61 -9.44
N GLN A 349 -7.13 -0.20 -9.82
CA GLN A 349 -7.26 -1.57 -9.31
C GLN A 349 -6.06 -2.40 -9.71
N GLN A 350 -5.42 -2.05 -10.82
CA GLN A 350 -4.24 -2.76 -11.29
C GLN A 350 -3.11 -2.79 -10.26
N VAL A 351 -3.04 -1.82 -9.34
CA VAL A 351 -1.89 -1.81 -8.41
C VAL A 351 -2.24 -2.48 -7.08
N PHE A 352 -3.50 -2.84 -6.84
CA PHE A 352 -3.94 -3.18 -5.47
C PHE A 352 -3.20 -4.38 -4.88
N LYS A 353 -3.01 -5.44 -5.66
CA LYS A 353 -2.49 -6.70 -5.10
C LYS A 353 -1.14 -6.56 -4.42
N GLY A 354 -0.15 -5.95 -5.10
CA GLY A 354 1.16 -5.71 -4.49
C GLY A 354 1.13 -4.93 -3.20
N VAL A 355 0.22 -3.96 -3.09
CA VAL A 355 0.08 -3.27 -1.81
C VAL A 355 -0.32 -4.25 -0.72
N PHE A 356 -1.28 -5.16 -1.01
CA PHE A 356 -1.62 -6.15 -0.01
C PHE A 356 -0.43 -7.04 0.34
N ALA A 357 0.29 -7.51 -0.70
CA ALA A 357 1.44 -8.37 -0.48
C ALA A 357 2.45 -7.74 0.45
N LEU A 358 2.83 -6.48 0.16
CA LEU A 358 3.85 -5.86 0.96
C LEU A 358 3.41 -5.80 2.42
N ASN A 359 2.17 -5.39 2.64
CA ASN A 359 1.66 -5.35 3.99
C ASN A 359 1.53 -6.76 4.60
N LEU A 360 1.20 -7.78 3.81
CA LEU A 360 1.14 -9.12 4.41
C LEU A 360 2.53 -9.53 4.91
N ALA A 361 3.57 -9.20 4.15
CA ALA A 361 4.94 -9.51 4.60
C ALA A 361 5.26 -8.79 5.92
N GLU A 362 4.80 -7.54 6.07
CA GLU A 362 5.01 -6.85 7.33
C GLU A 362 4.31 -7.60 8.48
N LEU A 363 3.09 -8.09 8.25
CA LEU A 363 2.39 -8.82 9.28
C LEU A 363 3.12 -10.10 9.64
N GLY A 364 3.52 -10.86 8.61
CA GLY A 364 4.26 -12.09 8.85
C GLY A 364 5.53 -11.85 9.66
N ASP A 365 6.32 -10.83 9.29
CA ASP A 365 7.51 -10.52 10.07
C ASP A 365 7.14 -10.24 11.52
N ALA A 366 6.09 -9.44 11.74
CA ALA A 366 5.65 -9.12 13.11
C ALA A 366 5.21 -10.37 13.86
N VAL A 367 4.42 -11.24 13.22
CA VAL A 367 3.95 -12.45 13.92
C VAL A 367 5.14 -13.35 14.25
N ALA A 368 6.03 -13.58 13.27
CA ALA A 368 7.16 -14.44 13.54
C ALA A 368 8.05 -13.86 14.64
N GLY A 369 8.11 -12.53 14.75
CA GLY A 369 8.95 -11.94 15.77
C GLY A 369 8.34 -11.98 17.16
N ALA A 370 7.01 -11.90 17.25
CA ALA A 370 6.31 -11.87 18.52
C ALA A 370 6.23 -13.21 19.21
N SER A 371 6.88 -14.25 18.69
CA SER A 371 6.69 -15.57 19.28
C SER A 371 7.91 -16.44 18.99
N SER A 372 8.02 -17.50 19.78
CA SER A 372 9.14 -18.42 19.72
C SER A 372 8.87 -19.60 18.79
N ASP A 373 7.63 -19.78 18.36
CA ASP A 373 7.29 -20.89 17.48
C ASP A 373 7.96 -20.69 16.12
N PRO A 374 8.74 -21.67 15.64
CA PRO A 374 9.40 -21.49 14.33
C PRO A 374 8.44 -21.47 13.16
N ASP A 375 7.26 -22.09 13.30
CA ASP A 375 6.23 -22.08 12.27
C ASP A 375 5.45 -20.77 12.23
N ALA A 376 5.70 -19.85 13.16
CA ALA A 376 4.92 -18.62 13.25
C ALA A 376 5.02 -17.80 11.98
N GLY A 377 3.87 -17.44 11.44
CA GLY A 377 3.80 -16.70 10.19
C GLY A 377 4.11 -17.52 8.96
N GLN A 378 4.11 -18.86 9.04
CA GLN A 378 4.48 -19.67 7.89
C GLN A 378 3.46 -19.52 6.78
N ASP A 379 2.17 -19.50 7.15
CA ASP A 379 1.16 -19.47 6.10
C ASP A 379 1.23 -18.18 5.32
N TYR A 380 1.55 -17.07 5.99
CA TYR A 380 1.74 -15.83 5.25
C TYR A 380 2.94 -15.95 4.35
N ARG A 381 4.06 -16.43 4.90
CA ARG A 381 5.27 -16.63 4.12
C ARG A 381 5.02 -17.59 2.97
N GLU A 382 4.27 -18.70 3.23
CA GLU A 382 4.02 -19.68 2.18
C GLU A 382 3.12 -19.07 1.10
N TYR A 383 2.06 -18.37 1.53
CA TYR A 383 1.19 -17.68 0.60
C TYR A 383 1.96 -16.78 -0.36
N LEU A 384 2.77 -15.87 0.19
CA LEU A 384 3.59 -14.98 -0.64
C LEU A 384 4.46 -15.76 -1.61
N ASP A 385 5.09 -16.85 -1.13
CA ASP A 385 5.90 -17.69 -2.02
C ASP A 385 5.05 -18.28 -3.15
N THR A 386 3.89 -18.84 -2.80
CA THR A 386 3.01 -19.44 -3.79
C THR A 386 2.61 -18.42 -4.85
N ASN A 387 2.36 -17.18 -4.41
CA ASN A 387 1.97 -16.16 -5.38
C ASN A 387 3.14 -15.76 -6.26
N MET A 388 4.28 -15.44 -5.64
CA MET A 388 5.52 -15.21 -6.35
C MET A 388 5.72 -16.26 -7.44
N GLN A 389 5.55 -17.54 -7.11
CA GLN A 389 5.92 -18.54 -8.11
C GLN A 389 4.92 -18.58 -9.24
N SER A 390 3.65 -18.33 -8.96
CA SER A 390 2.69 -18.26 -10.05
C SER A 390 2.93 -17.03 -10.93
N MET A 391 3.24 -15.89 -10.31
CA MET A 391 3.45 -14.68 -11.10
C MET A 391 4.66 -14.85 -12.00
N TYR A 392 5.81 -15.21 -11.40
CA TYR A 392 7.04 -15.57 -12.10
C TYR A 392 6.76 -16.46 -13.31
N ALA A 393 5.94 -17.48 -13.13
CA ALA A 393 5.79 -18.52 -14.14
C ALA A 393 4.77 -18.19 -15.22
N ASN A 394 3.69 -17.45 -14.89
CA ASN A 394 2.58 -17.25 -15.79
C ASN A 394 2.33 -15.82 -16.24
N ASP A 395 2.97 -14.81 -15.63
CA ASP A 395 2.58 -13.43 -15.83
C ASP A 395 3.79 -12.54 -16.15
N ARG A 396 4.87 -13.09 -16.70
CA ARG A 396 6.12 -12.36 -16.78
C ARG A 396 6.36 -12.12 -18.26
N SER A 397 7.07 -11.05 -18.64
CA SER A 397 7.57 -10.98 -20.00
C SER A 397 8.88 -10.17 -19.94
N GLU A 398 9.89 -10.58 -20.67
CA GLU A 398 11.18 -9.91 -20.60
C GLU A 398 11.29 -8.85 -21.71
N ILE A 399 11.83 -7.67 -21.36
CA ILE A 399 12.11 -6.68 -22.40
C ILE A 399 13.09 -7.24 -23.42
N VAL A 400 12.96 -6.77 -24.66
CA VAL A 400 13.82 -7.18 -25.76
C VAL A 400 15.01 -6.24 -25.80
N PRO A 401 16.19 -6.68 -25.48
CA PRO A 401 17.33 -5.77 -25.55
C PRO A 401 17.63 -5.55 -27.02
N THR A 402 18.24 -4.40 -27.32
CA THR A 402 18.58 -4.03 -28.69
C THR A 402 20.06 -3.70 -28.76
N LEU A 403 20.52 -3.47 -29.99
CA LEU A 403 21.89 -3.03 -30.17
C LEU A 403 22.15 -1.66 -29.51
N PHE A 404 21.11 -0.86 -29.31
CA PHE A 404 21.24 0.49 -28.76
C PHE A 404 20.84 0.56 -27.29
N ASP A 405 19.66 0.04 -26.94
CA ASP A 405 19.17 0.11 -25.57
C ASP A 405 19.52 -1.24 -24.95
N SER A 406 20.56 -1.25 -24.11
CA SER A 406 20.96 -2.44 -23.38
C SER A 406 20.06 -2.73 -22.17
N SER A 407 19.05 -1.89 -21.89
CA SER A 407 18.19 -2.08 -20.73
C SER A 407 17.56 -3.46 -20.71
N THR A 408 17.70 -4.10 -19.54
CA THR A 408 17.11 -5.41 -19.26
C THR A 408 16.25 -5.37 -18.00
N GLY A 409 15.21 -6.19 -18.00
CA GLY A 409 14.39 -6.37 -16.82
C GLY A 409 13.18 -7.22 -17.14
N ASP A 410 12.19 -7.16 -16.26
CA ASP A 410 10.98 -7.99 -16.42
C ASP A 410 9.72 -7.11 -16.34
N LEU A 411 8.72 -7.50 -17.13
CA LEU A 411 7.44 -6.80 -17.28
C LEU A 411 6.29 -7.70 -16.85
N TYR A 412 5.24 -7.14 -16.24
CA TYR A 412 4.17 -7.97 -15.68
C TYR A 412 2.79 -7.43 -16.01
N ASP A 413 1.81 -8.35 -16.16
CA ASP A 413 0.43 -7.98 -16.36
C ASP A 413 -0.33 -8.10 -15.04
N VAL A 414 -1.65 -7.95 -15.09
CA VAL A 414 -2.41 -7.73 -13.85
C VAL A 414 -2.65 -9.05 -13.12
N SER A 415 -2.90 -10.14 -13.84
CA SER A 415 -3.29 -11.36 -13.18
C SER A 415 -2.06 -12.14 -12.77
N TRP A 416 -1.95 -12.42 -11.47
CA TRP A 416 -0.80 -13.21 -11.07
C TRP A 416 -0.90 -14.67 -11.49
N SER A 417 -1.97 -15.03 -12.17
CA SER A 417 -2.03 -16.36 -12.74
C SER A 417 -2.37 -16.35 -14.22
N GLY A 418 -3.33 -15.51 -14.64
CA GLY A 418 -3.70 -15.35 -16.03
C GLY A 418 -2.49 -14.94 -16.80
N PRO A 419 -2.61 -14.87 -18.13
CA PRO A 419 -1.42 -14.79 -18.98
C PRO A 419 -0.88 -13.36 -19.02
N PHE A 420 0.34 -13.22 -19.56
CA PHE A 420 0.86 -11.88 -19.82
C PHE A 420 0.32 -11.36 -21.16
N ARG A 421 -0.36 -10.22 -21.13
CA ARG A 421 -0.79 -9.60 -22.38
C ARG A 421 -0.14 -8.24 -22.57
N ASN A 422 -0.16 -7.38 -21.57
CA ASN A 422 0.62 -6.18 -21.67
C ASN A 422 0.96 -5.74 -20.26
N ALA A 423 2.01 -4.93 -20.17
CA ALA A 423 2.40 -4.33 -18.90
C ALA A 423 1.88 -2.90 -18.86
N THR A 424 1.52 -2.44 -17.66
CA THR A 424 1.30 -1.02 -17.43
C THR A 424 2.04 -0.67 -16.13
N MET A 425 2.16 0.60 -15.84
CA MET A 425 2.98 0.99 -14.70
C MET A 425 2.32 0.53 -13.39
N PRO A 426 1.00 0.71 -13.19
CA PRO A 426 0.39 0.11 -11.98
C PRO A 426 0.54 -1.41 -11.90
N LYS A 427 0.39 -2.13 -13.02
CA LYS A 427 0.60 -3.58 -13.01
C LYS A 427 2.04 -3.91 -12.59
N GLN A 428 3.01 -3.16 -13.12
CA GLN A 428 4.42 -3.33 -12.80
C GLN A 428 4.69 -3.04 -11.33
N ALA A 429 4.15 -1.95 -10.80
CA ALA A 429 4.39 -1.63 -9.40
C ALA A 429 3.83 -2.72 -8.50
N SER A 430 2.64 -3.24 -8.83
CA SER A 430 2.10 -4.35 -8.05
C SER A 430 3.04 -5.54 -8.05
N ALA A 431 3.54 -5.91 -9.23
CA ALA A 431 4.51 -7.00 -9.36
C ALA A 431 5.73 -6.80 -8.46
N ILE A 432 6.33 -5.58 -8.46
CA ILE A 432 7.50 -5.35 -7.62
C ILE A 432 7.16 -5.59 -6.15
N GLY A 433 6.01 -5.07 -5.71
CA GLY A 433 5.53 -5.33 -4.36
C GLY A 433 5.55 -6.79 -3.98
N LEU A 434 5.17 -7.68 -4.89
CA LEU A 434 5.13 -9.09 -4.51
C LEU A 434 6.53 -9.64 -4.32
N TYR A 435 7.43 -9.37 -5.26
CA TYR A 435 8.82 -9.80 -5.10
C TYR A 435 9.45 -9.19 -3.85
N VAL A 436 9.18 -7.91 -3.59
CA VAL A 436 9.77 -7.29 -2.40
C VAL A 436 9.19 -7.92 -1.12
N ALA A 437 7.92 -8.36 -1.15
CA ALA A 437 7.37 -9.03 0.03
C ALA A 437 8.03 -10.39 0.30
N ASN A 438 8.75 -10.95 -0.67
CA ASN A 438 9.44 -12.22 -0.50
C ASN A 438 10.93 -12.06 -0.21
N ILE A 439 11.44 -10.82 -0.14
CA ILE A 439 12.84 -10.60 0.24
C ILE A 439 12.98 -10.71 1.75
#